data_2OZ7
#
_entry.id   2OZ7
#
_cell.length_a   56.504
_cell.length_b   65.820
_cell.length_c   71.506
_cell.angle_alpha   90.00
_cell.angle_beta   90.00
_cell.angle_gamma   90.00
#
_symmetry.space_group_name_H-M   'P 21 21 21'
#
loop_
_entity.id
_entity.type
_entity.pdbx_description
1 polymer 'Androgen receptor'
2 non-polymer 'CYPROTERONE ACETATE'
3 water water
#
_entity_poly.entity_id   1
_entity_poly.type   'polypeptide(L)'
_entity_poly.pdbx_seq_one_letter_code
;PIFLNVLEAIEPGVVCAGHDNNQPDSFAALLSSLNELGERQLVHVVKWAKALPGFRNLHVDDQMAVIQYSWMGLMVFAMG
WRSFTNVNSRMLYFAPDLVFNEYRMHKSRMYSQCVRMRHLSQEFGWLQITPQEFLCMKALLLFSIIPVDGLKNQKFFDEL
RMNYIKELDRIIACKRKNPTSCSRRFYQLTKLLDSVQPIARELHQFAFDLLIKSHMVSVDFPEMMAEIISVQVPKILSGK
VKPIYFHTQ
;
_entity_poly.pdbx_strand_id   A
#
# COMPACT_ATOMS: atom_id res chain seq x y z
N PRO A 1 -18.67 -11.92 -13.97
CA PRO A 1 -17.39 -11.39 -13.41
C PRO A 1 -17.72 -10.37 -12.33
N ILE A 2 -18.61 -10.75 -11.42
CA ILE A 2 -19.04 -9.87 -10.35
C ILE A 2 -17.88 -9.29 -9.53
N PHE A 3 -17.07 -10.17 -8.94
CA PHE A 3 -15.96 -9.71 -8.12
C PHE A 3 -15.04 -8.70 -8.80
N LEU A 4 -14.61 -8.98 -10.03
CA LEU A 4 -13.73 -8.06 -10.73
C LEU A 4 -14.46 -6.78 -11.13
N ASN A 5 -15.75 -6.89 -11.44
CA ASN A 5 -16.52 -5.71 -11.80
C ASN A 5 -16.44 -4.72 -10.65
N VAL A 6 -16.59 -5.24 -9.44
CA VAL A 6 -16.57 -4.40 -8.24
C VAL A 6 -15.20 -3.79 -7.98
N LEU A 7 -14.16 -4.60 -8.10
CA LEU A 7 -12.81 -4.09 -7.85
C LEU A 7 -12.47 -2.93 -8.78
N GLU A 8 -12.82 -3.06 -10.07
CA GLU A 8 -12.54 -1.99 -11.01
C GLU A 8 -13.39 -0.77 -10.70
N ALA A 9 -14.66 -1.01 -10.40
CA ALA A 9 -15.61 0.07 -10.12
C ALA A 9 -15.24 0.94 -8.92
N ILE A 10 -14.68 0.34 -7.87
CA ILE A 10 -14.33 1.12 -6.69
C ILE A 10 -12.90 1.66 -6.70
N GLU A 11 -12.13 1.31 -7.72
CA GLU A 11 -10.74 1.78 -7.78
C GLU A 11 -10.69 3.30 -7.93
N PRO A 12 -10.06 3.98 -6.96
CA PRO A 12 -9.94 5.44 -6.98
C PRO A 12 -9.37 5.96 -8.30
N GLY A 13 -9.77 7.16 -8.68
CA GLY A 13 -9.24 7.73 -9.89
C GLY A 13 -7.95 8.44 -9.54
N VAL A 14 -7.35 9.12 -10.52
CA VAL A 14 -6.10 9.85 -10.34
C VAL A 14 -6.21 10.88 -9.22
N VAL A 15 -5.14 11.04 -8.45
CA VAL A 15 -5.10 12.00 -7.36
C VAL A 15 -3.79 12.78 -7.45
N CYS A 16 -3.87 14.10 -7.60
CA CYS A 16 -2.68 14.92 -7.69
C CYS A 16 -2.20 15.40 -6.33
N ALA A 17 -0.91 15.70 -6.24
CA ALA A 17 -0.35 16.15 -4.98
C ALA A 17 -0.51 17.66 -4.85
N GLY A 18 -0.74 18.33 -5.97
CA GLY A 18 -0.85 19.78 -5.93
C GLY A 18 0.56 20.36 -5.84
N HIS A 19 1.53 19.61 -6.34
CA HIS A 19 2.91 20.06 -6.32
C HIS A 19 3.23 21.01 -7.47
N ASP A 20 3.93 22.10 -7.17
CA ASP A 20 4.32 23.06 -8.18
C ASP A 20 5.71 22.65 -8.65
N ASN A 21 5.76 21.95 -9.78
CA ASN A 21 7.03 21.47 -10.31
C ASN A 21 8.07 22.51 -10.72
N ASN A 22 7.73 23.78 -10.56
CA ASN A 22 8.67 24.84 -10.89
C ASN A 22 9.56 25.15 -9.68
N GLN A 23 9.07 24.81 -8.49
CA GLN A 23 9.85 25.08 -7.29
C GLN A 23 11.09 24.21 -7.25
N PRO A 24 12.10 24.63 -6.47
CA PRO A 24 13.34 23.86 -6.35
C PRO A 24 13.02 22.55 -5.65
N ASP A 25 13.80 21.51 -5.92
CA ASP A 25 13.61 20.21 -5.29
C ASP A 25 14.23 20.20 -3.90
N SER A 26 13.65 20.94 -2.96
CA SER A 26 14.20 20.93 -1.61
C SER A 26 13.52 19.84 -0.79
N PHE A 27 14.09 19.52 0.37
CA PHE A 27 13.49 18.50 1.21
C PHE A 27 12.12 19.01 1.67
N ALA A 28 12.07 20.29 2.04
CA ALA A 28 10.84 20.91 2.51
C ALA A 28 9.71 20.85 1.50
N ALA A 29 9.98 21.27 0.28
CA ALA A 29 8.97 21.29 -0.77
C ALA A 29 8.46 19.89 -1.14
N LEU A 30 9.36 18.91 -1.16
CA LEU A 30 8.98 17.54 -1.49
C LEU A 30 8.19 16.93 -0.34
N LEU A 31 8.60 17.26 0.88
CA LEU A 31 7.92 16.76 2.08
C LEU A 31 6.49 17.29 2.12
N SER A 32 6.35 18.60 1.94
CA SER A 32 5.03 19.24 1.96
C SER A 32 4.12 18.56 0.94
N SER A 33 4.64 18.35 -0.26
CA SER A 33 3.86 17.73 -1.31
C SER A 33 3.52 16.27 -1.03
N LEU A 34 4.51 15.49 -0.58
CA LEU A 34 4.26 14.09 -0.27
C LEU A 34 3.15 13.96 0.76
N ASN A 35 3.26 14.72 1.85
CA ASN A 35 2.25 14.68 2.91
C ASN A 35 0.87 15.11 2.42
N GLU A 36 0.82 16.17 1.62
CA GLU A 36 -0.46 16.62 1.11
C GLU A 36 -1.06 15.49 0.28
N LEU A 37 -0.25 14.88 -0.57
CA LEU A 37 -0.72 13.77 -1.39
C LEU A 37 -1.18 12.63 -0.48
N GLY A 38 -0.41 12.39 0.58
CA GLY A 38 -0.74 11.32 1.51
C GLY A 38 -2.11 11.50 2.14
N GLU A 39 -2.35 12.70 2.66
CA GLU A 39 -3.63 13.05 3.29
C GLU A 39 -4.77 12.92 2.29
N ARG A 40 -4.55 13.40 1.07
CA ARG A 40 -5.57 13.33 0.03
C ARG A 40 -5.92 11.88 -0.31
N GLN A 41 -4.92 11.06 -0.51
CA GLN A 41 -5.16 9.67 -0.84
C GLN A 41 -5.89 8.93 0.27
N LEU A 42 -5.46 9.16 1.51
CA LEU A 42 -6.09 8.51 2.64
C LEU A 42 -7.60 8.67 2.57
N VAL A 43 -8.05 9.86 2.16
CA VAL A 43 -9.48 10.12 2.03
C VAL A 43 -10.12 9.08 1.13
N HIS A 44 -9.48 8.83 -0.01
CA HIS A 44 -9.97 7.85 -0.97
C HIS A 44 -9.77 6.42 -0.47
N VAL A 45 -8.65 6.15 0.19
CA VAL A 45 -8.36 4.82 0.72
C VAL A 45 -9.50 4.36 1.64
N VAL A 46 -9.97 5.24 2.51
CA VAL A 46 -11.04 4.87 3.43
C VAL A 46 -12.33 4.49 2.70
N LYS A 47 -12.75 5.31 1.74
CA LYS A 47 -13.97 5.02 0.99
C LYS A 47 -13.79 3.77 0.14
N TRP A 48 -12.58 3.56 -0.36
CA TRP A 48 -12.29 2.38 -1.17
C TRP A 48 -12.49 1.12 -0.32
N ALA A 49 -11.83 1.07 0.82
CA ALA A 49 -11.91 -0.07 1.71
C ALA A 49 -13.34 -0.42 2.11
N LYS A 50 -14.11 0.61 2.47
CA LYS A 50 -15.48 0.41 2.91
C LYS A 50 -16.45 -0.04 1.81
N ALA A 51 -16.04 0.04 0.56
CA ALA A 51 -16.89 -0.38 -0.56
C ALA A 51 -16.45 -1.75 -1.08
N LEU A 52 -15.43 -2.31 -0.43
CA LEU A 52 -14.88 -3.59 -0.81
C LEU A 52 -15.83 -4.72 -0.38
N PRO A 53 -16.02 -5.73 -1.25
CA PRO A 53 -16.91 -6.85 -0.90
C PRO A 53 -16.66 -7.44 0.49
N GLY A 54 -17.72 -7.51 1.29
CA GLY A 54 -17.64 -8.07 2.64
C GLY A 54 -16.97 -7.24 3.72
N PHE A 55 -16.35 -6.12 3.35
CA PHE A 55 -15.65 -5.29 4.34
C PHE A 55 -16.53 -4.83 5.50
N ARG A 56 -17.80 -4.52 5.21
CA ARG A 56 -18.73 -4.06 6.24
C ARG A 56 -19.01 -5.14 7.29
N ASN A 57 -18.60 -6.36 6.99
CA ASN A 57 -18.78 -7.48 7.91
C ASN A 57 -17.84 -7.39 9.10
N LEU A 58 -16.85 -6.52 9.04
CA LEU A 58 -15.89 -6.36 10.11
C LEU A 58 -16.41 -5.42 11.19
N HIS A 59 -16.01 -5.66 12.43
CA HIS A 59 -16.43 -4.80 13.53
C HIS A 59 -15.97 -3.38 13.22
N VAL A 60 -16.83 -2.40 13.50
CA VAL A 60 -16.53 -1.00 13.23
C VAL A 60 -15.08 -0.61 13.54
N ASP A 61 -14.65 -0.91 14.76
CA ASP A 61 -13.31 -0.59 15.22
C ASP A 61 -12.21 -1.26 14.39
N ASP A 62 -12.42 -2.52 14.01
CA ASP A 62 -11.43 -3.24 13.22
C ASP A 62 -11.34 -2.66 11.82
N GLN A 63 -12.44 -2.09 11.33
CA GLN A 63 -12.46 -1.51 9.99
C GLN A 63 -11.42 -0.40 9.87
N MET A 64 -11.50 0.60 10.74
CA MET A 64 -10.54 1.68 10.68
C MET A 64 -9.12 1.24 11.06
N ALA A 65 -9.00 0.35 12.04
CA ALA A 65 -7.69 -0.10 12.47
C ALA A 65 -6.96 -0.77 11.30
N VAL A 66 -7.62 -1.75 10.69
CA VAL A 66 -7.05 -2.46 9.57
C VAL A 66 -6.67 -1.51 8.44
N ILE A 67 -7.50 -0.50 8.20
CA ILE A 67 -7.21 0.47 7.14
C ILE A 67 -5.93 1.21 7.46
N GLN A 68 -5.86 1.72 8.69
CA GLN A 68 -4.70 2.48 9.15
C GLN A 68 -3.39 1.69 9.22
N TYR A 69 -3.49 0.40 9.54
CA TYR A 69 -2.29 -0.43 9.63
C TYR A 69 -1.68 -0.73 8.26
N SER A 70 -2.54 -1.06 7.30
CA SER A 70 -2.10 -1.40 5.94
C SER A 70 -1.91 -0.19 5.03
N TRP A 71 -2.34 0.97 5.49
CA TRP A 71 -2.21 2.20 4.73
C TRP A 71 -0.92 2.32 3.93
N MET A 72 0.22 2.37 4.62
CA MET A 72 1.51 2.51 3.96
C MET A 72 1.78 1.46 2.88
N GLY A 73 1.56 0.19 3.21
CA GLY A 73 1.79 -0.87 2.24
C GLY A 73 0.91 -0.69 1.01
N LEU A 74 -0.33 -0.28 1.22
CA LEU A 74 -1.27 -0.06 0.14
C LEU A 74 -0.80 1.04 -0.78
N MET A 75 -0.23 2.10 -0.21
CA MET A 75 0.26 3.21 -1.01
C MET A 75 1.53 2.80 -1.76
N VAL A 76 2.38 2.01 -1.13
CA VAL A 76 3.59 1.55 -1.79
C VAL A 76 3.20 0.73 -3.01
N PHE A 77 2.38 -0.28 -2.80
CA PHE A 77 1.95 -1.17 -3.89
C PHE A 77 1.27 -0.41 -5.04
N ALA A 78 0.27 0.40 -4.74
CA ALA A 78 -0.43 1.14 -5.78
C ALA A 78 0.51 2.10 -6.50
N MET A 79 1.34 2.81 -5.73
CA MET A 79 2.31 3.73 -6.32
C MET A 79 3.18 2.96 -7.30
N GLY A 80 3.61 1.77 -6.88
CA GLY A 80 4.44 0.93 -7.72
C GLY A 80 3.74 0.58 -9.03
N TRP A 81 2.43 0.36 -8.95
CA TRP A 81 1.66 0.01 -10.15
C TRP A 81 1.55 1.20 -11.09
N ARG A 82 1.36 2.40 -10.53
CA ARG A 82 1.26 3.61 -11.35
C ARG A 82 2.58 3.88 -12.05
N SER A 83 3.69 3.60 -11.36
CA SER A 83 5.01 3.82 -11.95
C SER A 83 5.19 2.89 -13.14
N PHE A 84 4.72 1.67 -12.99
CA PHE A 84 4.82 0.65 -14.03
C PHE A 84 3.95 0.95 -15.24
N THR A 85 2.70 1.29 -15.01
CA THR A 85 1.76 1.58 -16.10
C THR A 85 1.97 2.95 -16.75
N ASN A 86 2.52 3.89 -16.00
CA ASN A 86 2.73 5.24 -16.52
C ASN A 86 4.10 5.48 -17.13
N VAL A 87 5.16 5.23 -16.36
CA VAL A 87 6.50 5.45 -16.87
C VAL A 87 7.35 4.19 -16.93
N ASN A 88 6.71 3.06 -17.17
CA ASN A 88 7.41 1.79 -17.26
C ASN A 88 8.46 1.65 -16.14
N SER A 89 8.04 1.99 -14.92
CA SER A 89 8.91 1.91 -13.75
C SER A 89 10.23 2.68 -13.89
N ARG A 90 10.25 3.64 -14.81
CA ARG A 90 11.44 4.46 -15.03
C ARG A 90 11.67 5.40 -13.84
N MET A 91 10.60 5.95 -13.30
CA MET A 91 10.68 6.86 -12.16
C MET A 91 9.56 6.48 -11.20
N LEU A 92 9.53 7.10 -10.03
CA LEU A 92 8.48 6.81 -9.07
C LEU A 92 7.36 7.81 -9.29
N TYR A 93 6.23 7.30 -9.77
CA TYR A 93 5.07 8.10 -10.11
C TYR A 93 4.10 8.22 -8.94
N PHE A 94 4.42 9.07 -7.97
CA PHE A 94 3.56 9.26 -6.81
C PHE A 94 2.26 9.88 -7.27
N ALA A 95 2.37 10.76 -8.24
CA ALA A 95 1.21 11.45 -8.79
C ALA A 95 1.63 12.10 -10.11
N PRO A 96 0.64 12.40 -10.96
CA PRO A 96 0.90 13.04 -12.26
C PRO A 96 1.80 14.25 -12.12
N ASP A 97 1.58 15.02 -11.05
CA ASP A 97 2.37 16.23 -10.80
C ASP A 97 3.52 16.00 -9.82
N LEU A 98 3.70 14.77 -9.38
CA LEU A 98 4.78 14.49 -8.45
C LEU A 98 5.47 13.19 -8.83
N VAL A 99 6.38 13.29 -9.80
CA VAL A 99 7.13 12.15 -10.31
C VAL A 99 8.56 12.27 -9.84
N PHE A 100 9.06 11.23 -9.19
CA PHE A 100 10.42 11.25 -8.66
C PHE A 100 11.47 10.70 -9.60
N ASN A 101 12.48 11.51 -9.89
CA ASN A 101 13.58 11.06 -10.73
C ASN A 101 14.73 10.82 -9.74
N GLU A 102 15.91 10.49 -10.23
CA GLU A 102 17.04 10.21 -9.33
C GLU A 102 17.29 11.31 -8.31
N TYR A 103 17.34 12.55 -8.78
CA TYR A 103 17.62 13.67 -7.90
C TYR A 103 16.58 13.85 -6.80
N ARG A 104 15.31 13.67 -7.13
CA ARG A 104 14.26 13.84 -6.11
C ARG A 104 14.34 12.71 -5.08
N MET A 105 14.71 11.51 -5.53
CA MET A 105 14.84 10.38 -4.61
C MET A 105 15.87 10.72 -3.52
N HIS A 106 16.97 11.34 -3.92
CA HIS A 106 18.03 11.73 -2.99
C HIS A 106 17.57 12.87 -2.09
N LYS A 107 16.97 13.87 -2.72
CA LYS A 107 16.46 15.04 -2.03
C LYS A 107 15.44 14.73 -0.94
N SER A 108 14.62 13.71 -1.17
CA SER A 108 13.60 13.30 -0.21
C SER A 108 14.21 12.65 1.03
N ARG A 109 15.45 12.17 0.88
CA ARG A 109 16.18 11.53 1.96
C ARG A 109 15.74 10.08 2.20
N MET A 110 15.00 9.53 1.25
CA MET A 110 14.53 8.15 1.34
C MET A 110 15.02 7.41 0.09
N TYR A 111 16.19 7.78 -0.38
CA TYR A 111 16.74 7.16 -1.59
C TYR A 111 16.72 5.63 -1.63
N SER A 112 17.23 4.97 -0.60
CA SER A 112 17.25 3.51 -0.59
C SER A 112 15.82 2.95 -0.63
N GLN A 113 14.91 3.57 0.10
CA GLN A 113 13.52 3.10 0.10
C GLN A 113 12.94 3.27 -1.31
N CYS A 114 13.27 4.38 -1.97
CA CYS A 114 12.77 4.62 -3.31
C CYS A 114 13.29 3.57 -4.29
N VAL A 115 14.57 3.23 -4.16
CA VAL A 115 15.18 2.23 -5.02
C VAL A 115 14.47 0.89 -4.82
N ARG A 116 14.18 0.56 -3.57
CA ARG A 116 13.49 -0.70 -3.27
C ARG A 116 12.09 -0.65 -3.87
N MET A 117 11.47 0.53 -3.84
CA MET A 117 10.13 0.67 -4.41
C MET A 117 10.21 0.59 -5.92
N ARG A 118 11.32 1.06 -6.48
CA ARG A 118 11.50 1.00 -7.93
C ARG A 118 11.57 -0.47 -8.32
N HIS A 119 12.31 -1.28 -7.55
CA HIS A 119 12.41 -2.71 -7.84
C HIS A 119 11.01 -3.30 -7.86
N LEU A 120 10.27 -3.05 -6.80
CA LEU A 120 8.90 -3.54 -6.69
C LEU A 120 8.13 -3.24 -7.97
N SER A 121 8.16 -1.99 -8.40
CA SER A 121 7.47 -1.58 -9.63
C SER A 121 7.89 -2.40 -10.84
N GLN A 122 9.17 -2.73 -10.92
CA GLN A 122 9.69 -3.50 -12.05
C GLN A 122 9.18 -4.95 -12.02
N GLU A 123 8.83 -5.44 -10.83
CA GLU A 123 8.33 -6.81 -10.72
C GLU A 123 6.97 -6.92 -11.41
N PHE A 124 6.23 -5.82 -11.47
CA PHE A 124 4.93 -5.84 -12.15
C PHE A 124 5.15 -6.15 -13.63
N GLY A 125 6.30 -5.71 -14.15
CA GLY A 125 6.60 -5.96 -15.55
C GLY A 125 7.19 -7.34 -15.79
N TRP A 126 8.15 -7.73 -14.96
CA TRP A 126 8.77 -9.04 -15.12
C TRP A 126 7.78 -10.17 -14.91
N LEU A 127 6.90 -10.02 -13.92
CA LEU A 127 5.90 -11.04 -13.63
C LEU A 127 4.67 -10.90 -14.52
N GLN A 128 4.64 -9.84 -15.32
CA GLN A 128 3.52 -9.62 -16.23
C GLN A 128 2.21 -9.69 -15.45
N ILE A 129 2.14 -8.92 -14.37
CA ILE A 129 0.95 -8.87 -13.54
C ILE A 129 -0.18 -8.13 -14.25
N THR A 130 -1.34 -8.76 -14.28
CA THR A 130 -2.50 -8.18 -14.93
C THR A 130 -3.28 -7.23 -14.02
N PRO A 131 -4.05 -6.33 -14.62
CA PRO A 131 -4.85 -5.37 -13.85
C PRO A 131 -5.71 -6.13 -12.85
N GLN A 132 -6.18 -7.30 -13.26
CA GLN A 132 -7.00 -8.14 -12.40
C GLN A 132 -6.23 -8.63 -11.18
N GLU A 133 -5.04 -9.17 -11.41
CA GLU A 133 -4.20 -9.68 -10.33
C GLU A 133 -3.80 -8.53 -9.40
N PHE A 134 -3.49 -7.39 -9.99
CA PHE A 134 -3.10 -6.20 -9.25
C PHE A 134 -4.23 -5.81 -8.29
N LEU A 135 -5.44 -5.67 -8.82
CA LEU A 135 -6.58 -5.30 -7.98
C LEU A 135 -6.82 -6.28 -6.84
N CYS A 136 -6.81 -7.57 -7.14
CA CYS A 136 -7.06 -8.56 -6.10
C CYS A 136 -5.93 -8.58 -5.06
N MET A 137 -4.70 -8.43 -5.51
CA MET A 137 -3.56 -8.40 -4.59
C MET A 137 -3.64 -7.16 -3.71
N LYS A 138 -3.99 -6.02 -4.31
CA LYS A 138 -4.07 -4.80 -3.53
C LYS A 138 -5.11 -4.94 -2.42
N ALA A 139 -6.24 -5.57 -2.73
CA ALA A 139 -7.28 -5.77 -1.72
C ALA A 139 -6.74 -6.66 -0.60
N LEU A 140 -6.01 -7.71 -0.97
CA LEU A 140 -5.42 -8.63 0.00
C LEU A 140 -4.44 -7.91 0.92
N LEU A 141 -3.71 -6.93 0.39
CA LEU A 141 -2.78 -6.16 1.20
C LEU A 141 -3.53 -5.47 2.34
N LEU A 142 -4.79 -5.15 2.11
CA LEU A 142 -5.60 -4.50 3.15
C LEU A 142 -5.78 -5.46 4.33
N PHE A 143 -5.76 -6.75 4.05
CA PHE A 143 -5.96 -7.78 5.06
C PHE A 143 -4.67 -8.51 5.39
N SER A 144 -3.54 -7.80 5.36
CA SER A 144 -2.27 -8.45 5.62
C SER A 144 -1.46 -7.91 6.80
N ILE A 145 -2.11 -7.26 7.75
CA ILE A 145 -1.41 -6.76 8.93
C ILE A 145 -2.39 -6.51 10.05
N ILE A 146 -2.21 -7.23 11.16
CA ILE A 146 -3.12 -7.12 12.30
C ILE A 146 -2.41 -7.32 13.64
N PRO A 147 -3.08 -6.95 14.74
CA PRO A 147 -2.50 -7.09 16.09
C PRO A 147 -2.22 -8.56 16.39
N VAL A 148 -1.11 -8.82 17.03
CA VAL A 148 -0.75 -10.19 17.39
C VAL A 148 -1.85 -10.74 18.30
N ASP A 149 -2.30 -9.92 19.23
CA ASP A 149 -3.32 -10.30 20.19
C ASP A 149 -4.74 -10.39 19.60
N GLY A 150 -4.89 -10.02 18.32
CA GLY A 150 -6.17 -10.10 17.67
C GLY A 150 -7.09 -8.88 17.62
N LEU A 151 -8.02 -8.92 16.67
CA LEU A 151 -9.00 -7.85 16.46
C LEU A 151 -10.29 -8.14 17.23
N LYS A 152 -11.14 -7.13 17.36
CA LYS A 152 -12.41 -7.28 18.07
C LYS A 152 -13.12 -8.55 17.58
N ASN A 153 -13.24 -8.64 16.27
CA ASN A 153 -13.88 -9.78 15.61
C ASN A 153 -12.85 -10.43 14.68
N GLN A 154 -11.93 -11.21 15.24
CA GLN A 154 -10.89 -11.86 14.45
C GLN A 154 -11.41 -12.91 13.47
N LYS A 155 -12.47 -13.62 13.84
CA LYS A 155 -13.02 -14.65 12.97
C LYS A 155 -13.65 -14.10 11.70
N PHE A 156 -14.27 -12.93 11.78
CA PHE A 156 -14.85 -12.34 10.57
C PHE A 156 -13.70 -11.93 9.65
N PHE A 157 -12.63 -11.39 10.23
CA PHE A 157 -11.46 -10.97 9.44
C PHE A 157 -10.82 -12.15 8.73
N ASP A 158 -10.61 -13.24 9.46
CA ASP A 158 -9.99 -14.43 8.89
C ASP A 158 -10.83 -14.98 7.75
N GLU A 159 -12.13 -14.96 7.95
CA GLU A 159 -13.08 -15.41 6.94
C GLU A 159 -12.90 -14.57 5.68
N LEU A 160 -12.91 -13.26 5.85
CA LEU A 160 -12.76 -12.33 4.73
C LEU A 160 -11.44 -12.53 3.99
N ARG A 161 -10.32 -12.47 4.72
CA ARG A 161 -8.99 -12.66 4.14
C ARG A 161 -8.94 -13.94 3.33
N MET A 162 -9.49 -15.01 3.88
CA MET A 162 -9.51 -16.30 3.20
C MET A 162 -10.27 -16.21 1.88
N ASN A 163 -11.40 -15.51 1.88
CA ASN A 163 -12.21 -15.36 0.67
C ASN A 163 -11.50 -14.57 -0.41
N TYR A 164 -10.65 -13.63 -0.01
CA TYR A 164 -9.91 -12.84 -0.97
C TYR A 164 -8.78 -13.67 -1.57
N ILE A 165 -8.25 -14.60 -0.79
CA ILE A 165 -7.20 -15.48 -1.27
C ILE A 165 -7.83 -16.44 -2.28
N LYS A 166 -9.05 -16.87 -1.98
CA LYS A 166 -9.82 -17.77 -2.83
C LYS A 166 -10.06 -17.08 -4.18
N GLU A 167 -10.34 -15.78 -4.13
CA GLU A 167 -10.57 -15.03 -5.34
C GLU A 167 -9.28 -14.96 -6.14
N LEU A 168 -8.17 -14.70 -5.45
CA LEU A 168 -6.90 -14.64 -6.15
C LEU A 168 -6.64 -16.00 -6.79
N ASP A 169 -7.19 -17.05 -6.17
CA ASP A 169 -7.02 -18.40 -6.68
C ASP A 169 -7.83 -18.57 -7.98
N ARG A 170 -9.05 -18.03 -8.00
CA ARG A 170 -9.89 -18.14 -9.18
C ARG A 170 -9.24 -17.42 -10.36
N ILE A 171 -8.66 -16.25 -10.09
CA ILE A 171 -7.98 -15.46 -11.12
C ILE A 171 -6.93 -16.33 -11.77
N ILE A 172 -6.01 -16.82 -10.95
CA ILE A 172 -4.91 -17.67 -11.41
C ILE A 172 -5.39 -18.88 -12.23
N ALA A 173 -6.36 -19.62 -11.71
CA ALA A 173 -6.87 -20.80 -12.39
C ALA A 173 -7.81 -20.56 -13.58
N CYS A 174 -8.38 -19.37 -13.66
CA CYS A 174 -9.32 -19.08 -14.75
C CYS A 174 -8.82 -19.58 -16.10
N LYS A 175 -7.56 -19.29 -16.43
CA LYS A 175 -6.98 -19.72 -17.69
C LYS A 175 -5.86 -20.74 -17.55
N ARG A 176 -5.77 -21.38 -16.39
CA ARG A 176 -4.74 -22.39 -16.17
C ARG A 176 -5.39 -23.70 -15.73
N LYS A 177 -5.17 -24.76 -16.50
CA LYS A 177 -5.75 -26.06 -16.18
C LYS A 177 -4.80 -27.02 -15.46
N ASN A 178 -3.50 -26.90 -15.70
CA ASN A 178 -2.55 -27.78 -15.02
C ASN A 178 -2.12 -27.19 -13.69
N PRO A 179 -2.48 -27.86 -12.58
CA PRO A 179 -2.16 -27.44 -11.20
C PRO A 179 -0.79 -26.82 -11.00
N THR A 180 0.25 -27.47 -11.51
CA THR A 180 1.60 -26.95 -11.35
C THR A 180 1.70 -25.51 -11.81
N SER A 181 1.10 -25.21 -12.96
CA SER A 181 1.12 -23.85 -13.51
C SER A 181 0.51 -22.88 -12.48
N CYS A 182 -0.61 -23.30 -11.89
CA CYS A 182 -1.30 -22.50 -10.89
C CYS A 182 -0.44 -22.29 -9.64
N SER A 183 0.13 -23.38 -9.11
CA SER A 183 0.95 -23.29 -7.91
C SER A 183 2.12 -22.33 -8.11
N ARG A 184 2.71 -22.36 -9.30
CA ARG A 184 3.84 -21.49 -9.60
C ARG A 184 3.43 -20.03 -9.55
N ARG A 185 2.27 -19.71 -10.13
CA ARG A 185 1.80 -18.33 -10.13
C ARG A 185 1.45 -17.85 -8.72
N PHE A 186 0.82 -18.70 -7.93
CA PHE A 186 0.45 -18.33 -6.57
C PHE A 186 1.72 -18.02 -5.79
N TYR A 187 2.74 -18.85 -6.00
CA TYR A 187 4.03 -18.66 -5.33
C TYR A 187 4.56 -17.28 -5.67
N GLN A 188 4.61 -16.97 -6.96
CA GLN A 188 5.10 -15.68 -7.42
C GLN A 188 4.33 -14.50 -6.82
N LEU A 189 3.01 -14.59 -6.83
CA LEU A 189 2.20 -13.49 -6.32
C LEU A 189 2.32 -13.30 -4.82
N THR A 190 2.42 -14.39 -4.07
CA THR A 190 2.54 -14.27 -2.61
C THR A 190 3.93 -13.76 -2.20
N LYS A 191 4.92 -14.04 -3.02
CA LYS A 191 6.28 -13.59 -2.76
C LYS A 191 6.27 -12.07 -3.00
N LEU A 192 5.62 -11.65 -4.07
CA LEU A 192 5.54 -10.22 -4.35
C LEU A 192 4.79 -9.52 -3.21
N LEU A 193 3.64 -10.06 -2.81
CA LEU A 193 2.86 -9.47 -1.72
C LEU A 193 3.72 -9.31 -0.48
N ASP A 194 4.45 -10.36 -0.12
CA ASP A 194 5.34 -10.31 1.03
C ASP A 194 6.36 -9.18 0.93
N SER A 195 6.96 -9.02 -0.26
CA SER A 195 7.99 -8.02 -0.47
C SER A 195 7.55 -6.59 -0.19
N VAL A 196 6.25 -6.35 -0.12
CA VAL A 196 5.77 -5.00 0.15
C VAL A 196 5.96 -4.65 1.62
N GLN A 197 5.79 -5.64 2.47
CA GLN A 197 5.89 -5.45 3.91
C GLN A 197 7.21 -4.88 4.39
N PRO A 198 8.34 -5.49 3.98
CA PRO A 198 9.63 -4.93 4.45
C PRO A 198 9.80 -3.47 4.08
N ILE A 199 9.36 -3.09 2.87
CA ILE A 199 9.47 -1.71 2.42
C ILE A 199 8.59 -0.81 3.30
N ALA A 200 7.34 -1.22 3.52
CA ALA A 200 6.44 -0.42 4.34
C ALA A 200 7.01 -0.25 5.75
N ARG A 201 7.68 -1.28 6.25
CA ARG A 201 8.27 -1.21 7.58
C ARG A 201 9.29 -0.07 7.64
N GLU A 202 10.17 0.01 6.65
CA GLU A 202 11.15 1.07 6.63
C GLU A 202 10.48 2.44 6.50
N LEU A 203 9.45 2.51 5.66
CA LEU A 203 8.74 3.77 5.46
C LEU A 203 8.01 4.15 6.75
N HIS A 204 7.60 3.13 7.50
CA HIS A 204 6.90 3.36 8.76
C HIS A 204 7.89 3.99 9.75
N GLN A 205 9.09 3.44 9.78
CA GLN A 205 10.14 3.92 10.67
C GLN A 205 10.51 5.36 10.29
N PHE A 206 10.71 5.58 9.01
CA PHE A 206 11.08 6.88 8.50
C PHE A 206 10.02 7.92 8.86
N ALA A 207 8.77 7.56 8.66
CA ALA A 207 7.66 8.47 8.97
C ALA A 207 7.61 8.81 10.46
N PHE A 208 7.73 7.79 11.29
CA PHE A 208 7.70 7.97 12.74
C PHE A 208 8.81 8.92 13.14
N ASP A 209 10.04 8.60 12.75
CA ASP A 209 11.19 9.43 13.08
C ASP A 209 10.98 10.89 12.68
N LEU A 210 10.49 11.10 11.47
CA LEU A 210 10.27 12.45 10.98
C LEU A 210 9.21 13.17 11.79
N LEU A 211 8.12 12.48 12.11
CA LEU A 211 7.05 13.07 12.89
C LEU A 211 7.55 13.60 14.23
N ILE A 212 8.43 12.83 14.86
CA ILE A 212 9.00 13.20 16.14
C ILE A 212 9.85 14.47 16.08
N LYS A 213 10.85 14.49 15.21
CA LYS A 213 11.69 15.68 15.11
C LYS A 213 10.96 16.85 14.43
N SER A 214 9.88 16.55 13.72
CA SER A 214 9.10 17.60 13.06
C SER A 214 8.24 18.30 14.10
N HIS A 215 7.69 17.52 15.02
CA HIS A 215 6.84 18.03 16.09
C HIS A 215 7.48 19.27 16.68
N MET A 216 8.82 19.30 16.69
CA MET A 216 9.53 20.44 17.23
C MET A 216 9.30 21.65 16.34
N VAL A 217 8.22 22.38 16.63
CA VAL A 217 7.82 23.59 15.91
C VAL A 217 6.83 23.32 14.79
N SER A 218 7.27 22.60 13.76
CA SER A 218 6.41 22.32 12.60
C SER A 218 5.67 20.98 12.63
N VAL A 219 4.54 20.96 13.32
CA VAL A 219 3.71 19.76 13.39
C VAL A 219 2.84 19.78 12.15
N ASP A 220 3.37 20.39 11.09
CA ASP A 220 2.69 20.55 9.81
C ASP A 220 2.15 19.25 9.22
N PHE A 221 2.49 18.12 9.85
CA PHE A 221 2.01 16.83 9.36
C PHE A 221 0.49 16.87 9.36
N PRO A 222 -0.15 16.55 8.23
CA PRO A 222 -1.61 16.54 8.11
C PRO A 222 -2.27 15.77 9.26
N GLU A 223 -3.55 16.02 9.47
CA GLU A 223 -4.30 15.39 10.55
C GLU A 223 -4.33 13.87 10.52
N MET A 224 -4.98 13.29 9.52
CA MET A 224 -5.09 11.84 9.45
C MET A 224 -3.73 11.14 9.45
N MET A 225 -2.76 11.69 8.73
CA MET A 225 -1.44 11.08 8.71
C MET A 225 -0.86 11.14 10.12
N ALA A 226 -0.98 12.30 10.75
CA ALA A 226 -0.47 12.50 12.09
C ALA A 226 -1.08 11.50 13.09
N GLU A 227 -2.37 11.21 12.92
CA GLU A 227 -3.02 10.28 13.83
C GLU A 227 -2.52 8.85 13.65
N ILE A 228 -2.39 8.41 12.40
CA ILE A 228 -1.92 7.06 12.11
C ILE A 228 -0.47 6.84 12.56
N ILE A 229 0.37 7.85 12.32
CA ILE A 229 1.78 7.74 12.67
C ILE A 229 2.05 7.80 14.18
N SER A 230 1.28 8.60 14.90
CA SER A 230 1.46 8.73 16.34
C SER A 230 0.71 7.66 17.13
N VAL A 231 -0.38 7.14 16.58
CA VAL A 231 -1.19 6.15 17.28
C VAL A 231 -1.11 4.72 16.80
N GLN A 232 -1.06 4.53 15.48
CA GLN A 232 -1.04 3.17 14.96
C GLN A 232 0.33 2.63 14.59
N VAL A 233 1.15 3.45 13.94
CA VAL A 233 2.48 3.04 13.51
C VAL A 233 3.34 2.52 14.66
N PRO A 234 3.29 3.16 15.85
CA PRO A 234 4.13 2.66 16.94
C PRO A 234 3.76 1.24 17.35
N LYS A 235 2.49 0.88 17.19
CA LYS A 235 2.05 -0.47 17.54
C LYS A 235 2.76 -1.45 16.63
N ILE A 236 2.98 -1.04 15.37
CA ILE A 236 3.68 -1.90 14.43
C ILE A 236 5.17 -1.96 14.80
N LEU A 237 5.79 -0.78 14.92
CA LEU A 237 7.21 -0.68 15.24
C LEU A 237 7.59 -1.36 16.56
N SER A 238 6.73 -1.28 17.56
CA SER A 238 7.00 -1.90 18.84
C SER A 238 6.63 -3.39 18.83
N GLY A 239 6.11 -3.87 17.70
CA GLY A 239 5.78 -5.28 17.57
C GLY A 239 4.42 -5.76 18.05
N LYS A 240 3.51 -4.86 18.38
CA LYS A 240 2.17 -5.26 18.84
C LYS A 240 1.27 -5.59 17.65
N VAL A 241 1.60 -5.01 16.50
CA VAL A 241 0.84 -5.24 15.26
C VAL A 241 1.87 -5.72 14.26
N LYS A 242 1.59 -6.81 13.58
CA LYS A 242 2.55 -7.35 12.63
C LYS A 242 1.92 -7.80 11.32
N PRO A 243 2.73 -7.80 10.25
CA PRO A 243 2.22 -8.22 8.94
C PRO A 243 2.02 -9.73 8.89
N ILE A 244 1.18 -10.17 7.95
CA ILE A 244 0.92 -11.59 7.80
C ILE A 244 1.69 -12.03 6.57
N TYR A 245 2.88 -12.58 6.80
CA TYR A 245 3.72 -13.04 5.71
C TYR A 245 3.24 -14.39 5.22
N PHE A 246 3.34 -14.61 3.91
CA PHE A 246 2.95 -15.88 3.35
C PHE A 246 4.10 -16.86 3.55
N HIS A 247 5.30 -16.42 3.22
CA HIS A 247 6.50 -17.23 3.33
C HIS A 247 7.35 -16.82 4.53
N THR A 248 8.12 -17.76 5.04
CA THR A 248 8.97 -17.49 6.19
C THR A 248 10.02 -16.46 5.80
N GLN A 249 10.08 -15.41 6.61
CA GLN A 249 11.00 -14.31 6.38
C GLN A 249 12.34 -14.53 7.07
#